data_3EXB
#
_entry.id   3EXB
#
_cell.length_a   107.029
_cell.length_b   75.070
_cell.length_c   50.790
_cell.angle_alpha   90.00
_cell.angle_beta   90.00
_cell.angle_gamma   90.00
#
_symmetry.space_group_name_H-M   'P 21 21 21'
#
loop_
_entity.id
_entity.type
_entity.pdbx_description
1 polymer 'Cytochrome c peroxidase'
2 polymer N-[3-(1H-BENZIMIDAZOL-1-YL)PROPANOYL]GLYCYL-L-ALANYL-L-ALANINAMIDE
3 non-polymer 'PROTOPORPHYRIN IX CONTAINING FE'
4 water water
#
loop_
_entity_poly.entity_id
_entity_poly.type
_entity_poly.pdbx_seq_one_letter_code
_entity_poly.pdbx_strand_id
1 'polypeptide(L)'
;MKTTTPLVHVASVEKGRSYEDFQKVYNAIALKLREDDEYDNYIGYGPVLVRLAWHISGTWDKHDNTGGSYGGTYRFKKEF
NDPSNAGLQNGFKFLEPIHKEFPWISSGDLFSLGGVTAVQEMQGPKIPWRCGRVDTPEDTTPDNGRLPDADKDAGYVRTF
FQRLNMNDREVVALMGAHALGKTHLKNSGYEGGGANNVFTNEFYLNLLNEDWKLEKNDANNEQWDSKSGYMMLPTDYSLI
QDPKYLSIVKEYANDQDKFFKDFSKAFEKLLENGITFPKDAPSPFIFKTLEEQGL
;
A
2 'polypeptide(L)' (EXB)GAA(NH2) B
#
# COMPACT_ATOMS: atom_id res chain seq x y z
N LEU A 7 -17.82 16.18 0.08
CA LEU A 7 -18.56 15.15 0.77
C LEU A 7 -18.02 15.05 2.18
N VAL A 8 -18.87 14.71 3.14
CA VAL A 8 -18.36 14.37 4.47
C VAL A 8 -18.61 12.88 4.74
N HIS A 9 -17.55 12.15 5.09
CA HIS A 9 -17.67 10.74 5.42
C HIS A 9 -17.32 10.55 6.89
N VAL A 10 -18.34 10.31 7.73
CA VAL A 10 -18.09 10.19 9.16
C VAL A 10 -17.89 8.72 9.53
N ALA A 11 -16.80 8.45 10.24
CA ALA A 11 -16.49 7.08 10.59
C ALA A 11 -17.61 6.63 11.56
N SER A 12 -18.10 5.41 11.35
CA SER A 12 -19.17 4.83 12.17
C SER A 12 -18.75 3.43 12.58
N VAL A 13 -18.47 3.24 13.87
CA VAL A 13 -17.96 1.94 14.34
C VAL A 13 -18.97 0.83 14.06
N GLU A 14 -18.52 -0.26 13.43
CA GLU A 14 -19.40 -1.41 13.21
C GLU A 14 -20.05 -1.79 14.55
N LYS A 15 -21.36 -2.03 14.54
CA LYS A 15 -22.14 -1.97 15.77
C LYS A 15 -21.60 -2.90 16.86
N GLY A 16 -21.28 -2.32 18.01
CA GLY A 16 -20.85 -3.08 19.17
C GLY A 16 -19.43 -3.62 19.13
N ARG A 17 -18.68 -3.33 18.06
CA ARG A 17 -17.34 -3.90 17.90
C ARG A 17 -16.29 -3.07 18.64
N SER A 18 -15.22 -3.76 19.03
CA SER A 18 -14.14 -3.14 19.77
C SER A 18 -12.82 -3.75 19.32
N TYR A 19 -11.75 -3.33 19.98
CA TYR A 19 -10.39 -3.77 19.63
C TYR A 19 -10.30 -5.28 19.42
N GLU A 20 -10.87 -6.07 20.33
CA GLU A 20 -10.72 -7.52 20.23
C GLU A 20 -11.34 -8.05 18.95
N ASP A 21 -12.45 -7.48 18.51
CA ASP A 21 -13.02 -7.93 17.24
C ASP A 21 -12.07 -7.75 16.07
N PHE A 22 -11.45 -6.58 16.00
CA PHE A 22 -10.53 -6.25 14.91
C PHE A 22 -9.23 -7.02 15.02
N GLN A 23 -8.78 -7.29 16.25
CA GLN A 23 -7.60 -8.14 16.40
C GLN A 23 -7.89 -9.53 15.86
N LYS A 24 -9.11 -10.04 16.05
CA LYS A 24 -9.48 -11.32 15.45
C LYS A 24 -9.38 -11.31 13.92
N VAL A 25 -9.85 -10.23 13.30
CA VAL A 25 -9.77 -10.09 11.85
C VAL A 25 -8.32 -10.02 11.40
N TYR A 26 -7.54 -9.21 12.12
CA TYR A 26 -6.07 -9.10 11.88
C TYR A 26 -5.46 -10.50 11.94
N ASN A 27 -5.80 -11.25 12.99
CA ASN A 27 -5.21 -12.59 13.12
C ASN A 27 -5.59 -13.52 11.98
N ALA A 28 -6.86 -13.47 11.54
CA ALA A 28 -7.29 -14.32 10.45
C ALA A 28 -6.52 -13.99 9.18
N ILE A 29 -6.36 -12.69 8.91
CA ILE A 29 -5.58 -12.25 7.74
C ILE A 29 -4.14 -12.73 7.88
N ALA A 30 -3.56 -12.52 9.06
CA ALA A 30 -2.16 -12.90 9.30
C ALA A 30 -1.93 -14.41 9.17
N LEU A 31 -2.87 -15.19 9.70
CA LEU A 31 -2.70 -16.65 9.64
C LEU A 31 -2.81 -17.14 8.19
N LYS A 32 -3.66 -16.48 7.40
CA LYS A 32 -3.82 -16.86 6.00
C LYS A 32 -2.58 -16.43 5.21
N LEU A 33 -1.97 -15.31 5.62
CA LEU A 33 -0.73 -14.86 4.98
C LEU A 33 0.38 -15.88 5.18
N ARG A 34 0.42 -16.44 6.39
CA ARG A 34 1.37 -17.50 6.70
C ARG A 34 1.06 -18.75 5.90
N GLU A 35 -0.22 -19.09 5.79
CA GLU A 35 -0.65 -20.35 5.17
C GLU A 35 -0.41 -20.35 3.65
N ASP A 36 -0.76 -19.26 3.00
CA ASP A 36 -0.74 -19.20 1.55
C ASP A 36 0.60 -18.70 1.05
N ASP A 37 1.66 -19.45 1.38
CA ASP A 37 3.04 -18.99 1.20
C ASP A 37 3.56 -19.09 -0.24
N GLU A 38 2.87 -19.88 -1.07
CA GLU A 38 3.38 -20.18 -2.42
C GLU A 38 3.09 -19.07 -3.43
N TYR A 39 2.12 -18.22 -3.11
CA TYR A 39 1.64 -17.22 -4.06
C TYR A 39 2.77 -16.39 -4.70
N ASP A 40 2.68 -16.20 -6.03
CA ASP A 40 3.63 -15.37 -6.79
C ASP A 40 5.07 -15.79 -6.52
N ASN A 41 5.38 -17.06 -6.81
CA ASN A 41 6.74 -17.55 -6.64
CA ASN A 41 6.73 -17.59 -6.62
C ASN A 41 7.29 -17.38 -5.22
N TYR A 42 6.44 -17.68 -4.23
CA TYR A 42 6.80 -17.72 -2.82
C TYR A 42 7.05 -16.35 -2.19
N ILE A 43 6.56 -15.33 -2.86
CA ILE A 43 6.54 -14.00 -2.25
C ILE A 43 5.43 -13.98 -1.18
N GLY A 44 4.36 -14.72 -1.43
CA GLY A 44 3.19 -14.65 -0.55
C GLY A 44 2.34 -13.40 -0.84
N TYR A 45 1.22 -13.27 -0.15
CA TYR A 45 0.25 -12.21 -0.42
C TYR A 45 0.52 -10.87 0.24
N GLY A 46 1.59 -10.77 1.02
CA GLY A 46 1.85 -9.54 1.77
C GLY A 46 1.94 -8.32 0.87
N PRO A 47 2.81 -8.36 -0.14
CA PRO A 47 2.96 -7.13 -0.92
C PRO A 47 1.69 -6.78 -1.69
N VAL A 48 0.97 -7.74 -2.26
CA VAL A 48 -0.24 -7.38 -2.99
C VAL A 48 -1.31 -6.78 -2.05
N LEU A 49 -1.37 -7.23 -0.79
CA LEU A 49 -2.28 -6.58 0.17
C LEU A 49 -1.90 -5.13 0.48
N VAL A 50 -0.59 -4.84 0.52
CA VAL A 50 -0.15 -3.47 0.73
C VAL A 50 -0.53 -2.64 -0.48
N ARG A 51 -0.30 -3.15 -1.67
CA ARG A 51 -0.65 -2.43 -2.88
CA ARG A 51 -0.66 -2.42 -2.86
C ARG A 51 -2.18 -2.19 -2.96
N LEU A 52 -2.98 -3.20 -2.60
CA LEU A 52 -4.42 -3.02 -2.59
C LEU A 52 -4.82 -1.88 -1.62
N ALA A 53 -4.28 -1.88 -0.40
CA ALA A 53 -4.69 -0.84 0.58
C ALA A 53 -4.32 0.54 0.06
N TRP A 54 -3.20 0.63 -0.66
CA TRP A 54 -2.80 1.91 -1.25
C TRP A 54 -3.70 2.31 -2.39
N HIS A 55 -4.02 1.38 -3.28
CA HIS A 55 -4.85 1.74 -4.43
C HIS A 55 -6.29 2.07 -4.07
N ILE A 56 -6.85 1.44 -3.03
CA ILE A 56 -8.22 1.79 -2.66
C ILE A 56 -8.22 3.16 -1.96
N SER A 57 -7.06 3.56 -1.42
CA SER A 57 -6.92 4.86 -0.78
C SER A 57 -6.51 5.98 -1.73
N GLY A 58 -5.69 5.62 -2.72
CA GLY A 58 -5.02 6.57 -3.59
C GLY A 58 -5.91 7.20 -4.64
N THR A 59 -7.18 6.82 -4.62
CA THR A 59 -8.15 7.44 -5.52
C THR A 59 -8.69 8.73 -4.93
N TRP A 60 -8.30 9.05 -3.70
CA TRP A 60 -8.84 10.19 -2.99
C TRP A 60 -8.46 11.48 -3.70
N ASP A 61 -9.37 12.44 -3.67
CA ASP A 61 -9.11 13.79 -4.16
C ASP A 61 -9.45 14.77 -3.02
N LYS A 62 -8.43 15.42 -2.48
CA LYS A 62 -8.64 16.33 -1.37
C LYS A 62 -9.59 17.48 -1.73
N HIS A 63 -9.72 17.79 -3.01
CA HIS A 63 -10.51 18.95 -3.40
C HIS A 63 -11.99 18.78 -3.19
N ASP A 64 -12.49 17.57 -3.36
CA ASP A 64 -13.92 17.36 -3.22
C ASP A 64 -14.24 16.15 -2.35
N ASN A 65 -13.20 15.54 -1.78
CA ASN A 65 -13.36 14.32 -0.98
C ASN A 65 -14.06 13.17 -1.70
N THR A 66 -13.84 13.06 -3.00
CA THR A 66 -14.27 11.87 -3.72
C THR A 66 -13.18 10.81 -3.62
N GLY A 67 -13.52 9.57 -3.94
CA GLY A 67 -12.54 8.50 -3.81
C GLY A 67 -12.18 8.23 -2.36
N GLY A 68 -11.02 7.62 -2.15
CA GLY A 68 -10.59 7.30 -0.79
C GLY A 68 -11.10 5.96 -0.29
N SER A 69 -10.55 5.53 0.84
CA SER A 69 -10.83 4.17 1.36
C SER A 69 -12.21 4.03 1.98
N TYR A 70 -12.82 5.14 2.38
CA TYR A 70 -14.05 5.06 3.20
C TYR A 70 -15.11 4.15 2.61
N GLY A 71 -15.48 4.35 1.34
CA GLY A 71 -16.67 3.70 0.79
C GLY A 71 -16.51 2.27 0.32
N GLY A 72 -15.29 1.72 0.36
CA GLY A 72 -15.06 0.33 -0.06
C GLY A 72 -15.40 0.08 -1.53
N THR A 73 -15.21 1.10 -2.36
CA THR A 73 -15.79 1.04 -3.72
C THR A 73 -15.01 0.13 -4.69
N TYR A 74 -13.83 -0.31 -4.27
CA TYR A 74 -13.08 -1.28 -5.07
C TYR A 74 -13.92 -2.53 -5.37
N ARG A 75 -14.92 -2.80 -4.54
CA ARG A 75 -15.75 -3.97 -4.75
C ARG A 75 -16.64 -3.87 -6.00
N PHE A 76 -16.73 -2.67 -6.59
CA PHE A 76 -17.57 -2.46 -7.76
C PHE A 76 -16.75 -2.55 -9.05
N LYS A 77 -17.36 -3.07 -10.11
CA LYS A 77 -16.63 -3.43 -11.33
C LYS A 77 -15.82 -2.28 -11.93
N LYS A 78 -16.35 -1.07 -11.90
CA LYS A 78 -15.61 0.03 -12.52
C LYS A 78 -14.20 0.16 -11.92
N GLU A 79 -14.11 0.11 -10.61
CA GLU A 79 -12.84 0.29 -9.92
C GLU A 79 -12.01 -1.01 -9.92
N PHE A 80 -12.68 -2.12 -9.71
CA PHE A 80 -12.06 -3.43 -9.74
C PHE A 80 -11.36 -3.63 -11.10
N ASN A 81 -11.98 -3.11 -12.16
CA ASN A 81 -11.47 -3.26 -13.53
C ASN A 81 -10.57 -2.12 -14.01
N ASP A 82 -10.31 -1.14 -13.16
CA ASP A 82 -9.32 -0.11 -13.49
C ASP A 82 -8.04 -0.77 -13.98
N PRO A 83 -7.55 -0.37 -15.16
CA PRO A 83 -6.25 -0.93 -15.58
C PRO A 83 -5.15 -0.74 -14.53
N SER A 84 -5.19 0.37 -13.78
CA SER A 84 -4.19 0.66 -12.77
C SER A 84 -4.22 -0.38 -11.64
N ASN A 85 -5.33 -1.10 -11.55
CA ASN A 85 -5.55 -2.08 -10.48
C ASN A 85 -5.29 -3.52 -10.92
N ALA A 86 -4.71 -3.70 -12.11
CA ALA A 86 -4.53 -5.06 -12.62
C ALA A 86 -3.61 -5.85 -11.70
N GLY A 87 -4.04 -7.05 -11.31
CA GLY A 87 -3.28 -7.84 -10.34
C GLY A 87 -3.91 -7.82 -8.95
N LEU A 88 -4.60 -6.74 -8.63
CA LEU A 88 -5.15 -6.58 -7.27
C LEU A 88 -6.28 -7.53 -7.00
N GLN A 89 -6.84 -8.12 -8.04
CA GLN A 89 -7.90 -9.11 -7.88
C GLN A 89 -7.42 -10.26 -6.99
N ASN A 90 -6.13 -10.56 -7.06
CA ASN A 90 -5.56 -11.59 -6.20
C ASN A 90 -5.69 -11.23 -4.71
N GLY A 91 -5.52 -9.95 -4.38
CA GLY A 91 -5.63 -9.48 -2.99
C GLY A 91 -7.08 -9.58 -2.58
N PHE A 92 -7.97 -9.24 -3.50
CA PHE A 92 -9.39 -9.26 -3.18
C PHE A 92 -9.82 -10.70 -2.92
N LYS A 93 -9.34 -11.61 -3.75
CA LYS A 93 -9.72 -13.02 -3.60
C LYS A 93 -9.19 -13.58 -2.29
N PHE A 94 -7.99 -13.17 -1.92
CA PHE A 94 -7.40 -13.55 -0.64
C PHE A 94 -8.31 -13.10 0.52
N LEU A 95 -8.85 -11.90 0.43
CA LEU A 95 -9.62 -11.34 1.56
C LEU A 95 -11.06 -11.85 1.59
N GLU A 96 -11.54 -12.45 0.50
CA GLU A 96 -12.93 -12.88 0.42
C GLU A 96 -13.31 -13.82 1.56
N PRO A 97 -12.52 -14.87 1.79
CA PRO A 97 -12.96 -15.78 2.86
C PRO A 97 -12.88 -15.11 4.23
N ILE A 98 -12.02 -14.12 4.36
CA ILE A 98 -11.96 -13.34 5.62
C ILE A 98 -13.24 -12.54 5.77
N HIS A 99 -13.71 -11.94 4.67
CA HIS A 99 -14.94 -11.17 4.75
C HIS A 99 -16.09 -12.10 5.11
N LYS A 100 -16.05 -13.32 4.60
CA LYS A 100 -17.16 -14.24 4.85
C LYS A 100 -17.17 -14.70 6.30
N GLU A 101 -15.98 -14.84 6.89
CA GLU A 101 -15.91 -15.20 8.32
C GLU A 101 -16.34 -14.05 9.23
N PHE A 102 -16.09 -12.83 8.78
CA PHE A 102 -16.40 -11.63 9.57
C PHE A 102 -17.24 -10.69 8.73
N PRO A 103 -18.48 -11.06 8.44
CA PRO A 103 -19.31 -10.33 7.50
C PRO A 103 -19.69 -8.94 8.01
N TRP A 104 -19.44 -8.70 9.28
CA TRP A 104 -19.77 -7.41 9.90
C TRP A 104 -18.79 -6.31 9.57
N ILE A 105 -17.61 -6.67 9.09
CA ILE A 105 -16.61 -5.62 8.82
C ILE A 105 -16.90 -4.97 7.46
N SER A 106 -16.71 -3.65 7.37
CA SER A 106 -17.01 -2.95 6.14
C SER A 106 -15.90 -3.26 5.15
N SER A 107 -16.17 -3.03 3.86
CA SER A 107 -15.18 -3.35 2.83
C SER A 107 -13.95 -2.47 2.94
N GLY A 108 -14.14 -1.17 3.15
CA GLY A 108 -12.99 -0.29 3.33
C GLY A 108 -12.17 -0.64 4.55
N ASP A 109 -12.84 -1.00 5.64
CA ASP A 109 -12.09 -1.45 6.81
C ASP A 109 -11.28 -2.70 6.53
N LEU A 110 -11.89 -3.66 5.82
CA LEU A 110 -11.17 -4.89 5.50
C LEU A 110 -9.97 -4.61 4.58
N PHE A 111 -10.18 -3.85 3.51
CA PHE A 111 -9.06 -3.63 2.56
C PHE A 111 -7.92 -2.89 3.24
N SER A 112 -8.25 -1.89 4.05
CA SER A 112 -7.19 -1.10 4.71
C SER A 112 -6.53 -1.94 5.78
N LEU A 113 -7.30 -2.68 6.57
CA LEU A 113 -6.69 -3.54 7.58
C LEU A 113 -5.77 -4.63 6.94
N GLY A 114 -6.12 -5.09 5.75
CA GLY A 114 -5.29 -6.07 5.08
C GLY A 114 -3.91 -5.50 4.84
N GLY A 115 -3.86 -4.21 4.47
CA GLY A 115 -2.58 -3.55 4.26
C GLY A 115 -1.79 -3.41 5.56
N VAL A 116 -2.43 -2.93 6.62
CA VAL A 116 -1.79 -2.85 7.92
C VAL A 116 -1.27 -4.19 8.38
N THR A 117 -2.11 -5.22 8.28
CA THR A 117 -1.72 -6.56 8.69
C THR A 117 -0.49 -7.05 7.92
N ALA A 118 -0.51 -6.86 6.61
CA ALA A 118 0.62 -7.27 5.76
C ALA A 118 1.91 -6.55 6.16
N VAL A 119 1.86 -5.22 6.27
CA VAL A 119 3.06 -4.50 6.69
C VAL A 119 3.61 -5.04 8.02
N GLN A 120 2.73 -5.27 9.03
CA GLN A 120 3.25 -5.69 10.33
C GLN A 120 3.78 -7.10 10.28
N GLU A 121 3.05 -7.97 9.58
CA GLU A 121 3.45 -9.36 9.53
C GLU A 121 4.76 -9.53 8.75
N MET A 122 5.01 -8.62 7.83
CA MET A 122 6.30 -8.61 7.12
C MET A 122 7.42 -7.86 7.88
N GLN A 123 7.20 -7.65 9.17
CA GLN A 123 8.23 -7.14 10.10
C GLN A 123 8.40 -5.65 9.91
N GLY A 124 7.40 -5.02 9.34
CA GLY A 124 7.34 -3.55 9.22
C GLY A 124 7.02 -2.86 10.54
N PRO A 125 6.87 -1.54 10.49
CA PRO A 125 6.46 -0.79 11.70
C PRO A 125 5.02 -1.13 12.08
N LYS A 126 4.69 -0.88 13.34
CA LYS A 126 3.28 -0.87 13.72
C LYS A 126 2.62 0.28 12.98
N ILE A 127 1.42 0.04 12.45
CA ILE A 127 0.59 1.06 11.82
C ILE A 127 -0.71 1.17 12.64
N PRO A 128 -0.87 2.26 13.39
CA PRO A 128 -2.15 2.43 14.09
C PRO A 128 -3.27 2.45 13.05
N TRP A 129 -4.43 1.90 13.41
CA TRP A 129 -5.47 1.74 12.42
C TRP A 129 -6.80 2.05 13.11
N ARG A 130 -7.67 2.75 12.40
CA ARG A 130 -8.97 3.13 12.95
C ARG A 130 -10.07 2.49 12.16
N CYS A 131 -11.12 2.07 12.85
CA CYS A 131 -12.24 1.46 12.16
C CYS A 131 -13.29 2.50 11.81
N GLY A 132 -14.31 2.06 11.07
CA GLY A 132 -15.50 2.88 10.91
C GLY A 132 -15.79 3.34 9.49
N ARG A 133 -14.99 2.87 8.52
CA ARG A 133 -15.34 3.08 7.11
C ARG A 133 -16.68 2.41 6.84
N VAL A 134 -17.50 3.02 6.00
CA VAL A 134 -18.85 2.51 5.75
C VAL A 134 -19.05 2.32 4.25
N ASP A 135 -19.51 1.13 3.84
CA ASP A 135 -19.72 0.86 2.42
C ASP A 135 -20.68 1.87 1.82
N THR A 136 -20.30 2.47 0.69
CA THR A 136 -21.18 3.38 -0.04
C THR A 136 -21.61 2.79 -1.38
N PRO A 137 -22.67 3.36 -1.99
CA PRO A 137 -23.27 2.76 -3.19
C PRO A 137 -22.39 2.82 -4.43
N GLU A 138 -22.80 2.07 -5.45
CA GLU A 138 -22.00 1.93 -6.65
C GLU A 138 -21.74 3.27 -7.35
N ASP A 139 -22.70 4.18 -7.28
CA ASP A 139 -22.51 5.46 -7.95
C ASP A 139 -21.49 6.38 -7.25
N THR A 140 -20.92 5.93 -6.14
CA THR A 140 -19.88 6.72 -5.49
C THR A 140 -18.49 6.25 -5.90
N THR A 141 -18.42 5.25 -6.77
CA THR A 141 -17.13 4.70 -7.21
C THR A 141 -16.40 5.73 -8.08
N PRO A 142 -15.15 6.06 -7.75
CA PRO A 142 -14.41 7.05 -8.56
C PRO A 142 -14.09 6.48 -9.93
N ASP A 143 -14.10 7.32 -10.95
CA ASP A 143 -13.67 6.92 -12.30
C ASP A 143 -12.21 6.47 -12.28
N ASN A 144 -11.84 5.69 -13.30
CA ASN A 144 -10.47 5.26 -13.48
C ASN A 144 -9.59 6.45 -13.81
N GLY A 145 -8.29 6.34 -13.52
CA GLY A 145 -7.34 7.37 -13.92
C GLY A 145 -6.83 8.26 -12.81
N ARG A 146 -7.19 7.95 -11.57
CA ARG A 146 -6.73 8.72 -10.42
C ARG A 146 -5.45 8.19 -9.79
N LEU A 147 -5.04 7.00 -10.19
CA LEU A 147 -3.81 6.41 -9.67
C LEU A 147 -2.61 6.78 -10.57
N PRO A 148 -1.40 6.76 -10.01
CA PRO A 148 -0.30 7.41 -10.76
C PRO A 148 0.34 6.54 -11.85
N ASP A 149 0.88 7.21 -12.88
CA ASP A 149 1.64 6.57 -13.94
C ASP A 149 3.07 6.39 -13.44
N ALA A 150 3.75 5.36 -13.93
CA ALA A 150 5.12 5.02 -13.50
C ALA A 150 6.17 5.58 -14.45
N ASP A 151 5.75 6.05 -15.62
CA ASP A 151 6.71 6.46 -16.65
C ASP A 151 6.85 7.98 -16.61
N LYS A 152 7.08 8.51 -15.43
CA LYS A 152 7.07 9.94 -15.22
C LYS A 152 8.26 10.39 -14.36
N ASP A 153 8.43 11.70 -14.26
CA ASP A 153 9.56 12.27 -13.51
C ASP A 153 9.16 12.81 -12.15
N ALA A 154 10.13 13.41 -11.47
CA ALA A 154 9.90 13.84 -10.08
C ALA A 154 8.82 14.89 -9.99
N GLY A 155 8.74 15.77 -10.97
CA GLY A 155 7.77 16.87 -10.93
C GLY A 155 6.36 16.30 -10.99
N TYR A 156 6.20 15.26 -11.79
CA TYR A 156 4.94 14.55 -11.87
C TYR A 156 4.58 13.93 -10.54
N VAL A 157 5.55 13.25 -9.92
CA VAL A 157 5.30 12.58 -8.65
C VAL A 157 4.89 13.59 -7.60
N ARG A 158 5.61 14.70 -7.54
CA ARG A 158 5.35 15.72 -6.52
C ARG A 158 3.94 16.33 -6.71
N THR A 159 3.60 16.67 -7.94
CA THR A 159 2.28 17.23 -8.21
C THR A 159 1.21 16.20 -7.96
N PHE A 160 1.44 14.97 -8.40
CA PHE A 160 0.43 13.95 -8.22
C PHE A 160 0.04 13.83 -6.75
N PHE A 161 1.05 13.75 -5.90
CA PHE A 161 0.79 13.46 -4.48
C PHE A 161 0.22 14.67 -3.74
N GLN A 162 0.34 15.88 -4.29
CA GLN A 162 -0.39 17.01 -3.69
C GLN A 162 -1.88 16.74 -3.61
N ARG A 163 -2.42 15.95 -4.55
CA ARG A 163 -3.88 15.68 -4.57
C ARG A 163 -4.27 14.82 -3.37
N LEU A 164 -3.31 14.09 -2.84
CA LEU A 164 -3.51 13.21 -1.68
C LEU A 164 -3.02 13.89 -0.41
N ASN A 165 -2.71 15.17 -0.52
CA ASN A 165 -2.20 15.96 0.60
C ASN A 165 -0.94 15.35 1.22
N MET A 166 -0.02 14.88 0.36
CA MET A 166 1.26 14.33 0.86
C MET A 166 2.37 15.25 0.41
N ASN A 167 3.30 15.52 1.33
CA ASN A 167 4.46 16.39 1.06
C ASN A 167 5.68 15.54 0.65
N ASP A 168 6.83 16.19 0.46
CA ASP A 168 7.97 15.44 -0.09
C ASP A 168 8.37 14.28 0.81
N ARG A 169 8.40 14.52 2.12
CA ARG A 169 8.82 13.46 3.04
C ARG A 169 7.82 12.33 3.05
N GLU A 170 6.54 12.65 3.02
CA GLU A 170 5.53 11.61 2.98
C GLU A 170 5.61 10.76 1.71
N VAL A 171 5.88 11.40 0.58
CA VAL A 171 5.96 10.71 -0.71
C VAL A 171 7.18 9.77 -0.65
N VAL A 172 8.34 10.28 -0.21
CA VAL A 172 9.53 9.45 -0.19
C VAL A 172 9.34 8.25 0.77
N ALA A 173 8.77 8.53 1.96
CA ALA A 173 8.47 7.43 2.91
C ALA A 173 7.55 6.39 2.30
N LEU A 174 6.44 6.83 1.73
CA LEU A 174 5.47 5.88 1.18
C LEU A 174 6.12 5.02 0.11
N MET A 175 6.99 5.63 -0.72
CA MET A 175 7.54 4.88 -1.83
C MET A 175 8.46 3.76 -1.36
N GLY A 176 8.89 3.80 -0.10
CA GLY A 176 9.74 2.72 0.45
C GLY A 176 9.05 1.36 0.43
N ALA A 177 7.71 1.38 0.29
CA ALA A 177 6.96 0.13 0.08
C ALA A 177 7.37 -0.64 -1.17
N HIS A 178 8.05 0.05 -2.08
CA HIS A 178 8.57 -0.60 -3.26
C HIS A 178 9.79 -1.47 -3.01
N ALA A 179 10.17 -1.59 -1.73
CA ALA A 179 11.06 -2.70 -1.39
C ALA A 179 10.33 -4.05 -1.51
N LEU A 180 9.00 -4.01 -1.48
CA LEU A 180 8.20 -5.25 -1.38
C LEU A 180 7.74 -5.79 -2.75
N GLY A 181 7.74 -7.11 -2.91
CA GLY A 181 7.08 -7.71 -4.07
C GLY A 181 7.79 -7.36 -5.38
N LYS A 182 7.02 -7.28 -6.47
CA LYS A 182 7.62 -7.09 -7.79
C LYS A 182 6.60 -6.57 -8.76
N THR A 183 7.06 -6.09 -9.90
CA THR A 183 6.19 -5.77 -11.00
C THR A 183 5.96 -7.02 -11.83
N HIS A 184 4.87 -7.04 -12.58
CA HIS A 184 4.58 -8.18 -13.45
C HIS A 184 4.26 -7.61 -14.81
N LEU A 185 4.97 -8.05 -15.85
CA LEU A 185 4.78 -7.46 -17.15
C LEU A 185 3.29 -7.42 -17.56
N LYS A 186 2.53 -8.46 -17.25
CA LYS A 186 1.16 -8.55 -17.74
C LYS A 186 0.22 -7.62 -16.98
N ASN A 187 0.64 -7.17 -15.80
CA ASN A 187 -0.16 -6.22 -15.03
C ASN A 187 0.10 -4.76 -15.42
N SER A 188 1.38 -4.40 -15.55
CA SER A 188 1.73 -2.99 -15.59
C SER A 188 2.66 -2.63 -16.72
N GLY A 189 3.18 -3.63 -17.43
CA GLY A 189 4.17 -3.37 -18.48
C GLY A 189 5.58 -3.10 -17.94
N TYR A 190 5.82 -3.52 -16.70
CA TYR A 190 7.15 -3.45 -16.08
C TYR A 190 7.58 -4.85 -15.69
N GLU A 191 8.86 -5.15 -15.90
CA GLU A 191 9.34 -6.51 -15.76
C GLU A 191 10.08 -6.64 -14.45
N GLY A 192 9.62 -7.55 -13.60
CA GLY A 192 10.28 -7.75 -12.34
C GLY A 192 11.08 -9.02 -12.40
N GLY A 193 11.90 -9.25 -11.38
CA GLY A 193 12.66 -10.50 -11.30
C GLY A 193 12.56 -11.01 -9.89
N GLY A 194 13.65 -10.85 -9.14
CA GLY A 194 13.67 -11.19 -7.73
C GLY A 194 12.70 -10.31 -6.95
N ALA A 195 12.46 -10.68 -5.71
CA ALA A 195 11.52 -9.94 -4.90
C ALA A 195 11.74 -10.27 -3.45
N ASN A 196 11.22 -9.39 -2.60
CA ASN A 196 11.35 -9.60 -1.17
CA ASN A 196 11.40 -9.46 -1.18
C ASN A 196 10.02 -9.35 -0.50
N ASN A 197 9.83 -10.04 0.61
CA ASN A 197 8.57 -9.97 1.39
C ASN A 197 8.83 -9.65 2.87
N VAL A 198 9.95 -8.99 3.12
CA VAL A 198 10.30 -8.45 4.41
C VAL A 198 10.41 -6.93 4.34
N PHE A 199 9.69 -6.23 5.19
CA PHE A 199 9.63 -4.78 5.14
C PHE A 199 10.90 -4.19 5.77
N THR A 200 11.72 -3.57 4.93
CA THR A 200 12.93 -2.89 5.41
C THR A 200 13.07 -1.60 4.63
N ASN A 201 14.15 -0.86 4.93
CA ASN A 201 14.49 0.35 4.17
C ASN A 201 15.37 0.06 2.97
N GLU A 202 15.35 -1.16 2.46
CA GLU A 202 16.28 -1.49 1.38
C GLU A 202 16.00 -0.76 0.05
N PHE A 203 14.79 -0.25 -0.14
CA PHE A 203 14.48 0.48 -1.37
C PHE A 203 15.46 1.63 -1.51
N TYR A 204 15.70 2.33 -0.40
CA TYR A 204 16.57 3.51 -0.41
C TYR A 204 18.03 3.11 -0.57
N LEU A 205 18.45 2.06 0.11
CA LEU A 205 19.81 1.56 -0.05
C LEU A 205 20.07 1.15 -1.52
N ASN A 206 19.11 0.47 -2.13
CA ASN A 206 19.29 0.02 -3.51
C ASN A 206 19.34 1.24 -4.43
N LEU A 207 18.45 2.21 -4.20
CA LEU A 207 18.53 3.40 -5.07
C LEU A 207 19.92 4.01 -5.07
N LEU A 208 20.54 4.10 -3.90
CA LEU A 208 21.82 4.82 -3.75
C LEU A 208 23.00 3.98 -4.12
N ASN A 209 22.88 2.66 -3.93
CA ASN A 209 24.08 1.80 -4.01
C ASN A 209 24.22 0.97 -5.27
N GLU A 210 23.11 0.72 -5.95
CA GLU A 210 23.18 -0.07 -7.20
C GLU A 210 23.63 0.75 -8.39
N ASP A 211 24.20 0.07 -9.38
CA ASP A 211 24.61 0.70 -10.64
C ASP A 211 23.47 0.56 -11.64
N TRP A 212 22.61 1.57 -11.69
CA TRP A 212 21.40 1.50 -12.51
C TRP A 212 21.67 1.78 -13.97
N LYS A 213 21.05 0.98 -14.83
CA LYS A 213 21.15 1.12 -16.30
C LYS A 213 19.73 1.31 -16.84
N LEU A 214 19.53 2.34 -17.66
CA LEU A 214 18.23 2.58 -18.27
C LEU A 214 18.04 1.62 -19.45
N GLU A 215 17.09 0.71 -19.31
CA GLU A 215 16.89 -0.33 -20.30
C GLU A 215 15.45 -0.34 -20.80
N LYS A 216 15.23 -1.00 -21.93
CA LYS A 216 13.87 -1.27 -22.39
C LYS A 216 13.51 -2.70 -22.07
N ASN A 217 12.32 -2.86 -21.51
CA ASN A 217 11.84 -4.19 -21.20
C ASN A 217 11.06 -4.79 -22.38
N ASP A 218 10.52 -5.98 -22.18
CA ASP A 218 9.88 -6.72 -23.27
C ASP A 218 8.56 -6.11 -23.68
N ALA A 219 8.07 -5.14 -22.93
CA ALA A 219 6.86 -4.45 -23.31
C ALA A 219 7.19 -3.12 -23.94
N ASN A 220 8.48 -2.90 -24.21
CA ASN A 220 8.95 -1.69 -24.89
C ASN A 220 8.89 -0.45 -23.98
N ASN A 221 8.84 -0.66 -22.66
CA ASN A 221 8.87 0.43 -21.71
C ASN A 221 10.23 0.55 -21.06
N GLU A 222 10.63 1.76 -20.73
CA GLU A 222 11.90 1.94 -20.03
C GLU A 222 11.78 1.71 -18.54
N GLN A 223 12.82 1.09 -18.00
CA GLN A 223 12.95 0.92 -16.56
C GLN A 223 14.43 0.85 -16.24
N TRP A 224 14.75 1.06 -14.97
CA TRP A 224 16.13 1.09 -14.50
C TRP A 224 16.48 -0.27 -13.90
N ASP A 225 17.54 -0.87 -14.41
CA ASP A 225 17.91 -2.24 -14.01
C ASP A 225 19.33 -2.29 -13.49
N SER A 226 19.61 -3.20 -12.56
CA SER A 226 21.00 -3.37 -12.12
C SER A 226 21.45 -4.78 -12.42
N LYS A 227 22.75 -4.98 -12.51
CA LYS A 227 23.31 -6.28 -12.80
C LYS A 227 22.95 -7.29 -11.71
N SER A 228 22.62 -6.79 -10.52
CA SER A 228 22.24 -7.65 -9.40
C SER A 228 20.87 -8.24 -9.61
N GLY A 229 20.15 -7.76 -10.62
CA GLY A 229 18.79 -8.21 -10.89
C GLY A 229 17.73 -7.31 -10.26
N TYR A 230 18.13 -6.16 -9.72
CA TYR A 230 17.16 -5.20 -9.14
C TYR A 230 16.54 -4.36 -10.25
N MET A 231 15.36 -3.80 -9.98
CA MET A 231 14.79 -2.82 -10.90
C MET A 231 14.15 -1.66 -10.15
N MET A 232 14.03 -0.54 -10.86
CA MET A 232 13.31 0.61 -10.38
C MET A 232 12.43 1.15 -11.50
N LEU A 233 11.24 1.60 -11.17
CA LEU A 233 10.41 2.36 -12.12
C LEU A 233 11.03 3.72 -12.37
N PRO A 234 10.71 4.34 -13.51
CA PRO A 234 11.14 5.74 -13.67
C PRO A 234 10.71 6.64 -12.53
N THR A 235 9.50 6.44 -11.97
CA THR A 235 9.12 7.30 -10.87
C THR A 235 9.93 7.00 -9.59
N ASP A 236 10.38 5.75 -9.41
CA ASP A 236 11.28 5.40 -8.29
C ASP A 236 12.61 6.13 -8.44
N TYR A 237 13.17 6.00 -9.64
CA TYR A 237 14.46 6.60 -9.91
C TYR A 237 14.41 8.12 -9.78
N SER A 238 13.25 8.72 -10.05
CA SER A 238 13.09 10.18 -9.93
C SER A 238 13.44 10.68 -8.51
N LEU A 239 13.34 9.80 -7.52
CA LEU A 239 13.62 10.19 -6.13
C LEU A 239 15.10 10.45 -5.90
N ILE A 240 15.97 10.01 -6.83
CA ILE A 240 17.38 10.35 -6.70
C ILE A 240 17.81 11.33 -7.78
N GLN A 241 16.90 11.64 -8.71
CA GLN A 241 17.19 12.67 -9.70
C GLN A 241 16.88 14.07 -9.16
N ASP A 242 15.86 14.17 -8.30
CA ASP A 242 15.42 15.44 -7.75
C ASP A 242 16.19 15.70 -6.45
N PRO A 243 16.79 16.88 -6.28
CA PRO A 243 17.68 17.05 -5.12
C PRO A 243 16.97 17.01 -3.77
N LYS A 244 15.70 17.46 -3.74
CA LYS A 244 14.92 17.45 -2.49
C LYS A 244 14.57 16.02 -2.12
N TYR A 245 14.09 15.25 -3.09
CA TYR A 245 13.82 13.84 -2.80
C TYR A 245 15.12 13.10 -2.41
N LEU A 246 16.24 13.41 -3.11
CA LEU A 246 17.46 12.69 -2.84
C LEU A 246 17.88 12.81 -1.37
N SER A 247 17.76 14.01 -0.79
CA SER A 247 18.19 14.21 0.58
C SER A 247 17.40 13.29 1.50
N ILE A 248 16.12 13.11 1.20
CA ILE A 248 15.26 12.30 2.07
C ILE A 248 15.56 10.80 1.89
N VAL A 249 15.79 10.40 0.65
CA VAL A 249 16.25 9.05 0.34
C VAL A 249 17.48 8.72 1.16
N LYS A 250 18.46 9.63 1.18
CA LYS A 250 19.67 9.39 1.97
C LYS A 250 19.36 9.28 3.45
N GLU A 251 18.41 10.09 3.92
CA GLU A 251 18.07 10.04 5.33
C GLU A 251 17.53 8.65 5.69
N TYR A 252 16.61 8.16 4.87
CA TYR A 252 15.96 6.87 5.16
C TYR A 252 16.92 5.70 4.96
N ALA A 253 17.85 5.83 4.01
CA ALA A 253 18.89 4.83 3.82
C ALA A 253 19.79 4.69 5.02
N ASN A 254 19.91 5.74 5.82
CA ASN A 254 20.81 5.77 6.93
C ASN A 254 20.15 5.70 8.30
N ASP A 255 18.83 5.48 8.30
CA ASP A 255 18.10 5.45 9.58
C ASP A 255 16.82 4.64 9.45
N GLN A 256 16.94 3.35 9.71
CA GLN A 256 15.82 2.41 9.61
C GLN A 256 14.66 2.85 10.50
N ASP A 257 14.98 3.26 11.71
CA ASP A 257 13.91 3.60 12.67
C ASP A 257 13.14 4.82 12.18
N LYS A 258 13.85 5.81 11.63
CA LYS A 258 13.20 7.04 11.19
C LYS A 258 12.29 6.70 10.00
N PHE A 259 12.78 5.85 9.11
CA PHE A 259 11.96 5.41 7.99
C PHE A 259 10.68 4.71 8.52
N PHE A 260 10.85 3.79 9.45
CA PHE A 260 9.69 3.08 10.00
C PHE A 260 8.68 4.05 10.57
N LYS A 261 9.14 5.02 11.36
CA LYS A 261 8.23 5.93 12.03
C LYS A 261 7.52 6.79 10.99
N ASP A 262 8.26 7.26 9.99
CA ASP A 262 7.66 8.13 9.00
C ASP A 262 6.72 7.37 8.06
N PHE A 263 7.10 6.14 7.70
CA PHE A 263 6.21 5.32 6.91
C PHE A 263 4.90 5.07 7.65
N SER A 264 5.00 4.73 8.93
CA SER A 264 3.79 4.40 9.70
C SER A 264 2.81 5.59 9.69
N LYS A 265 3.33 6.79 9.95
CA LYS A 265 2.47 8.00 9.95
C LYS A 265 1.87 8.23 8.57
N ALA A 266 2.70 8.21 7.52
CA ALA A 266 2.18 8.45 6.18
C ALA A 266 1.18 7.41 5.70
N PHE A 267 1.41 6.15 6.06
CA PHE A 267 0.58 5.06 5.57
C PHE A 267 -0.77 5.14 6.30
N GLU A 268 -0.73 5.44 7.59
CA GLU A 268 -2.02 5.61 8.29
C GLU A 268 -2.77 6.80 7.70
N LYS A 269 -2.04 7.90 7.47
CA LYS A 269 -2.69 9.08 6.90
C LYS A 269 -3.35 8.74 5.55
N LEU A 270 -2.61 8.03 4.70
CA LEU A 270 -3.09 7.64 3.38
C LEU A 270 -4.41 6.85 3.54
N LEU A 271 -4.40 5.88 4.45
CA LEU A 271 -5.56 5.03 4.67
C LEU A 271 -6.73 5.76 5.32
N GLU A 272 -6.48 6.91 5.92
CA GLU A 272 -7.53 7.67 6.61
C GLU A 272 -8.00 8.91 5.87
N ASN A 273 -7.33 9.27 4.78
CA ASN A 273 -7.68 10.49 4.09
C ASN A 273 -9.16 10.43 3.70
N GLY A 274 -9.87 11.54 3.89
CA GLY A 274 -11.28 11.63 3.50
C GLY A 274 -12.24 11.28 4.62
N ILE A 275 -11.71 10.75 5.73
CA ILE A 275 -12.60 10.28 6.82
C ILE A 275 -12.58 11.28 7.97
N THR A 276 -13.77 11.63 8.46
CA THR A 276 -13.94 12.46 9.63
C THR A 276 -14.17 11.54 10.80
N PHE A 277 -13.28 11.57 11.79
CA PHE A 277 -13.50 10.77 13.01
C PHE A 277 -14.15 11.62 14.10
N PRO A 278 -15.33 11.20 14.60
CA PRO A 278 -15.95 11.93 15.69
C PRO A 278 -15.02 12.06 16.87
N LYS A 279 -15.19 13.14 17.64
CA LYS A 279 -14.34 13.38 18.81
C LYS A 279 -14.38 12.26 19.84
N ASP A 280 -15.48 11.52 19.88
CA ASP A 280 -15.58 10.40 20.82
C ASP A 280 -15.45 9.06 20.11
N ALA A 281 -14.84 9.07 18.93
CA ALA A 281 -14.47 7.81 18.27
C ALA A 281 -13.40 7.11 19.11
N PRO A 282 -13.32 5.78 19.01
CA PRO A 282 -12.23 5.09 19.72
C PRO A 282 -10.88 5.60 19.23
N SER A 283 -9.89 5.54 20.10
CA SER A 283 -8.50 5.76 19.69
C SER A 283 -8.08 4.76 18.64
N PRO A 284 -7.05 5.11 17.86
CA PRO A 284 -6.54 4.14 16.88
C PRO A 284 -6.07 2.87 17.60
N PHE A 285 -6.29 1.73 16.95
CA PHE A 285 -5.89 0.41 17.47
C PHE A 285 -4.47 0.12 17.00
N ILE A 286 -3.66 -0.44 17.88
CA ILE A 286 -2.34 -0.97 17.48
C ILE A 286 -2.41 -2.49 17.72
N PHE A 287 -2.49 -3.24 16.63
CA PHE A 287 -2.66 -4.68 16.69
C PHE A 287 -1.35 -5.38 16.99
N LYS A 288 -1.42 -6.41 17.81
CA LYS A 288 -0.28 -7.28 18.06
C LYS A 288 -0.07 -8.19 16.85
N THR A 289 1.18 -8.45 16.49
CA THR A 289 1.46 -9.43 15.48
C THR A 289 1.20 -10.85 15.98
N LEU A 290 1.13 -11.79 15.06
CA LEU A 290 1.00 -13.19 15.50
C LEU A 290 2.15 -13.56 16.42
N GLU A 291 3.36 -13.17 16.02
CA GLU A 291 4.53 -13.43 16.82
C GLU A 291 4.41 -12.90 18.25
N GLU A 292 3.90 -11.67 18.42
CA GLU A 292 3.76 -11.08 19.74
C GLU A 292 2.71 -11.83 20.57
N GLN A 293 1.78 -12.47 19.88
CA GLN A 293 0.72 -13.21 20.60
C GLN A 293 1.09 -14.66 20.85
N GLY A 294 2.24 -15.09 20.32
CA GLY A 294 2.62 -16.49 20.43
C GLY A 294 1.78 -17.41 19.58
N LEU A 295 1.20 -16.86 18.50
CA LEU A 295 0.32 -17.61 17.61
C LEU A 295 1.03 -17.97 16.31
N GLY B 2 13.22 -6.69 -5.96
CA GLY B 2 14.33 -7.43 -5.89
C GLY B 2 14.79 -7.88 -4.70
N ALA B 3 15.89 -8.64 -4.67
CA ALA B 3 15.99 -9.67 -3.65
C ALA B 3 16.42 -9.08 -2.33
N ALA B 4 16.07 -9.76 -1.22
CA ALA B 4 16.45 -9.32 0.12
C ALA B 4 17.93 -9.10 0.23
#